data_1EJF
#
_entry.id   1EJF
#
_cell.length_a   61.802
_cell.length_b   61.802
_cell.length_c   162.888
_cell.angle_alpha   90.00
_cell.angle_beta   90.00
_cell.angle_gamma   90.00
#
_symmetry.space_group_name_H-M   'P 43 21 2'
#
loop_
_entity.id
_entity.type
_entity.pdbx_description
1 polymer 'Prostaglandin E synthase 3'
2 non-polymer 'SULFATE ION'
3 water water
#
_entity_poly.entity_id   1
_entity_poly.type   'polypeptide(L)'
_entity_poly.pdbx_seq_one_letter_code
;MQPASAKWYDRRDYVFIEFCVEDSKDVNVNFEKSKLTFSCLGGSDNFKHLNEIDLFHCIDPNDSKHKRTDRSILCCLRKG
ESGQSWPRLTKERAKLNWLSVDFNNWKDWEDDSDEDMSNFDRFSE
;
_entity_poly.pdbx_strand_id   A,B
#
# COMPACT_ATOMS: atom_id res chain seq x y z
N MET A 1 -15.92 17.16 -16.34
CA MET A 1 -14.71 16.41 -16.78
C MET A 1 -14.86 14.92 -16.55
N GLN A 2 -13.97 14.15 -17.16
CA GLN A 2 -14.01 12.70 -17.03
C GLN A 2 -12.61 12.11 -17.17
N PRO A 3 -12.39 10.93 -16.57
CA PRO A 3 -11.09 10.25 -16.66
C PRO A 3 -10.71 9.95 -18.11
N ALA A 4 -9.44 10.13 -18.43
CA ALA A 4 -8.92 9.68 -19.71
C ALA A 4 -8.78 8.16 -19.63
N SER A 5 -9.03 7.48 -20.74
CA SER A 5 -8.82 6.03 -20.79
C SER A 5 -7.33 5.76 -20.61
N ALA A 6 -6.99 4.65 -19.97
CA ALA A 6 -5.60 4.35 -19.68
C ALA A 6 -5.35 2.86 -19.57
N LYS A 7 -4.13 2.45 -19.94
CA LYS A 7 -3.71 1.07 -19.78
C LYS A 7 -2.41 1.04 -18.97
N TRP A 8 -2.17 -0.07 -18.29
CA TRP A 8 -1.01 -0.18 -17.42
C TRP A 8 -0.34 -1.55 -17.50
N TYR A 9 0.91 -1.60 -17.09
CA TYR A 9 1.66 -2.85 -16.97
C TYR A 9 2.86 -2.56 -16.10
N ASP A 10 3.59 -3.60 -15.71
CA ASP A 10 4.71 -3.40 -14.81
C ASP A 10 5.95 -4.19 -15.19
N ARG A 11 7.09 -3.75 -14.68
CA ARG A 11 8.34 -4.50 -14.76
C ARG A 11 8.81 -4.71 -13.33
N ARG A 12 9.98 -5.31 -13.16
CA ARG A 12 10.48 -5.64 -11.84
C ARG A 12 10.47 -4.42 -10.91
N ASP A 13 10.96 -3.29 -11.39
CA ASP A 13 11.16 -2.12 -10.55
C ASP A 13 10.23 -0.95 -10.84
N TYR A 14 9.46 -1.04 -11.93
CA TYR A 14 8.62 0.07 -12.35
C TYR A 14 7.21 -0.33 -12.77
N VAL A 15 6.27 0.59 -12.55
CA VAL A 15 4.90 0.42 -13.02
C VAL A 15 4.63 1.50 -14.06
N PHE A 16 4.01 1.11 -15.17
CA PHE A 16 3.75 2.03 -16.27
C PHE A 16 2.27 2.25 -16.50
N ILE A 17 1.86 3.51 -16.53
CA ILE A 17 0.49 3.88 -16.83
C ILE A 17 0.45 4.86 -17.98
N GLU A 18 -0.31 4.53 -19.02
CA GLU A 18 -0.41 5.39 -20.19
C GLU A 18 -1.82 5.96 -20.32
N PHE A 19 -1.93 7.29 -20.30
CA PHE A 19 -3.20 7.94 -20.50
C PHE A 19 -3.34 8.35 -21.96
N CYS A 20 -4.38 7.83 -22.62
CA CYS A 20 -4.57 8.06 -24.05
C CYS A 20 -5.35 9.35 -24.32
N VAL A 21 -4.62 10.44 -24.49
CA VAL A 21 -5.22 11.73 -24.82
C VAL A 21 -4.49 12.36 -25.99
N GLU A 22 -5.22 12.59 -27.08
CA GLU A 22 -4.62 13.16 -28.28
C GLU A 22 -4.55 14.68 -28.19
N ASP A 23 -3.43 15.25 -28.62
CA ASP A 23 -3.23 16.69 -28.59
C ASP A 23 -3.49 17.26 -27.20
N SER A 24 -2.83 16.68 -26.19
CA SER A 24 -3.02 17.11 -24.81
C SER A 24 -2.28 18.41 -24.55
N LYS A 25 -2.78 19.19 -23.59
CA LYS A 25 -2.12 20.41 -23.14
C LYS A 25 -2.38 20.61 -21.67
N ASP A 26 -1.52 21.39 -21.01
CA ASP A 26 -1.64 21.62 -19.57
C ASP A 26 -1.53 20.31 -18.80
N VAL A 27 -0.78 19.37 -19.36
CA VAL A 27 -0.56 18.10 -18.68
C VAL A 27 -0.04 18.34 -17.28
N ASN A 28 -0.63 17.67 -16.30
CA ASN A 28 -0.23 17.80 -14.91
C ASN A 28 -0.25 16.45 -14.23
N VAL A 29 0.93 15.93 -13.93
CA VAL A 29 1.04 14.65 -13.23
C VAL A 29 1.62 14.86 -11.84
N ASN A 30 0.86 14.41 -10.83
CA ASN A 30 1.32 14.54 -9.46
C ASN A 30 1.53 13.17 -8.83
N PHE A 31 2.79 12.84 -8.57
CA PHE A 31 3.14 11.56 -7.96
C PHE A 31 3.17 11.68 -6.44
N GLU A 32 2.41 10.82 -5.77
CA GLU A 32 2.49 10.71 -4.33
C GLU A 32 2.80 9.26 -3.94
N LYS A 33 3.32 9.08 -2.73
CA LYS A 33 3.75 7.77 -2.29
C LYS A 33 2.74 6.67 -2.62
N SER A 34 1.46 6.94 -2.41
CA SER A 34 0.44 5.93 -2.60
C SER A 34 -0.70 6.37 -3.52
N LYS A 35 -0.48 7.46 -4.24
CA LYS A 35 -1.52 8.01 -5.11
C LYS A 35 -0.94 8.65 -6.36
N LEU A 36 -1.71 8.62 -7.43
CA LEU A 36 -1.33 9.27 -8.68
C LEU A 36 -2.46 10.15 -9.17
N THR A 37 -2.14 11.38 -9.55
CA THR A 37 -3.13 12.31 -10.09
C THR A 37 -2.69 12.86 -11.44
N PHE A 38 -3.54 12.66 -12.44
CA PHE A 38 -3.26 13.13 -13.79
C PHE A 38 -4.40 14.03 -14.27
N SER A 39 -4.05 15.17 -14.82
CA SER A 39 -5.02 16.08 -15.40
C SER A 39 -4.46 16.78 -16.63
N CYS A 40 -5.35 17.20 -17.53
CA CYS A 40 -4.93 17.87 -18.74
C CYS A 40 -6.15 18.29 -19.55
N LEU A 41 -5.91 19.04 -20.62
CA LEU A 41 -6.97 19.39 -21.56
C LEU A 41 -6.72 18.64 -22.86
N GLY A 42 -7.78 18.20 -23.51
CA GLY A 42 -7.64 17.44 -24.73
C GLY A 42 -8.27 18.12 -25.93
N GLY A 43 -7.52 18.18 -27.04
CA GLY A 43 -8.06 18.76 -28.26
C GLY A 43 -8.18 20.26 -28.18
N SER A 44 -8.71 20.85 -29.25
CA SER A 44 -8.88 22.30 -29.33
C SER A 44 -10.02 22.78 -28.45
N ASP A 45 -10.99 21.90 -28.21
CA ASP A 45 -12.15 22.25 -27.42
C ASP A 45 -11.83 22.27 -25.92
N ASN A 46 -10.59 21.91 -25.58
CA ASN A 46 -10.16 21.92 -24.19
C ASN A 46 -10.99 20.96 -23.34
N PHE A 47 -11.07 19.70 -23.77
CA PHE A 47 -11.78 18.68 -23.03
C PHE A 47 -11.02 18.35 -21.75
N LYS A 48 -11.68 18.49 -20.60
CA LYS A 48 -11.02 18.29 -19.32
C LYS A 48 -10.92 16.83 -18.91
N HIS A 49 -9.70 16.38 -18.63
CA HIS A 49 -9.48 15.03 -18.14
C HIS A 49 -8.89 15.05 -16.73
N LEU A 50 -9.38 14.14 -15.89
CA LEU A 50 -8.86 14.00 -14.53
C LEU A 50 -8.88 12.54 -14.11
N ASN A 51 -7.70 12.02 -13.76
CA ASN A 51 -7.57 10.65 -13.30
C ASN A 51 -6.90 10.63 -11.94
N GLU A 52 -7.55 9.98 -10.98
CA GLU A 52 -7.00 9.84 -9.65
C GLU A 52 -7.15 8.40 -9.20
N ILE A 53 -6.05 7.82 -8.72
CA ILE A 53 -6.10 6.44 -8.24
C ILE A 53 -5.20 6.22 -7.04
N ASP A 54 -5.74 5.53 -6.04
CA ASP A 54 -4.93 5.07 -4.92
C ASP A 54 -4.21 3.81 -5.39
N LEU A 55 -2.88 3.82 -5.31
CA LEU A 55 -2.07 2.75 -5.84
C LEU A 55 -2.10 1.51 -4.95
N PHE A 56 -2.05 0.34 -5.58
CA PHE A 56 -2.01 -0.92 -4.83
C PHE A 56 -0.83 -0.95 -3.88
N HIS A 57 0.34 -0.57 -4.39
CA HIS A 57 1.55 -0.53 -3.58
C HIS A 57 2.12 0.89 -3.58
N CYS A 58 2.96 1.19 -2.61
CA CYS A 58 3.61 2.50 -2.54
C CYS A 58 4.67 2.61 -3.62
N ILE A 59 4.86 3.84 -4.11
CA ILE A 59 5.88 4.12 -5.11
C ILE A 59 6.82 5.19 -4.57
N ASP A 60 7.90 5.46 -5.31
CA ASP A 60 8.82 6.53 -4.98
C ASP A 60 8.56 7.72 -5.91
N PRO A 61 7.77 8.70 -5.45
CA PRO A 61 7.43 9.88 -6.26
C PRO A 61 8.68 10.59 -6.79
N ASN A 62 9.66 10.73 -5.91
CA ASN A 62 10.87 11.49 -6.22
C ASN A 62 11.62 10.89 -7.41
N ASP A 63 11.30 9.65 -7.75
CA ASP A 63 12.00 8.95 -8.82
C ASP A 63 11.04 8.49 -9.91
N SER A 64 9.87 9.11 -9.96
CA SER A 64 8.89 8.81 -11.00
C SER A 64 8.80 9.98 -11.97
N LYS A 65 8.46 9.69 -13.22
CA LYS A 65 8.38 10.72 -14.24
C LYS A 65 7.33 10.39 -15.29
N HIS A 66 7.10 11.32 -16.21
CA HIS A 66 6.16 11.11 -17.30
C HIS A 66 6.66 11.77 -18.58
N LYS A 67 6.26 11.21 -19.72
CA LYS A 67 6.64 11.73 -21.02
C LYS A 67 5.39 11.91 -21.88
N ARG A 68 5.27 13.06 -22.52
CA ARG A 68 4.07 13.37 -23.30
C ARG A 68 4.34 13.41 -24.80
N THR A 69 3.34 13.05 -25.58
CA THR A 69 3.37 13.21 -27.02
C THR A 69 1.98 13.64 -27.48
N ASP A 70 1.84 13.90 -28.78
CA ASP A 70 0.56 14.29 -29.34
C ASP A 70 -0.43 13.13 -29.22
N ARG A 71 0.10 11.94 -28.95
CA ARG A 71 -0.70 10.72 -28.91
C ARG A 71 -1.19 10.36 -27.52
N SER A 72 -0.32 10.52 -26.51
CA SER A 72 -0.67 10.14 -25.14
C SER A 72 0.38 10.58 -24.12
N ILE A 73 0.14 10.26 -22.85
CA ILE A 73 1.07 10.59 -21.77
C ILE A 73 1.44 9.32 -21.00
N LEU A 74 2.71 8.96 -21.06
CA LEU A 74 3.19 7.75 -20.40
C LEU A 74 3.84 8.07 -19.05
N CYS A 75 3.36 7.41 -18.01
CA CYS A 75 3.89 7.61 -16.67
C CYS A 75 4.74 6.43 -16.23
N CYS A 76 5.92 6.74 -15.67
CA CYS A 76 6.80 5.72 -15.15
C CYS A 76 6.90 5.85 -13.63
N LEU A 77 6.30 4.91 -12.91
CA LEU A 77 6.32 4.94 -11.45
C LEU A 77 7.37 3.99 -10.91
N ARG A 78 8.29 4.53 -10.12
CA ARG A 78 9.29 3.71 -9.44
C ARG A 78 8.64 2.98 -8.26
N LYS A 79 8.63 1.65 -8.32
CA LYS A 79 8.06 0.85 -7.24
C LYS A 79 8.78 1.15 -5.92
N GLY A 80 8.03 1.28 -4.84
CA GLY A 80 8.63 1.55 -3.55
C GLY A 80 9.52 0.41 -3.09
N GLU A 81 9.34 -0.76 -3.70
CA GLU A 81 10.15 -1.93 -3.37
C GLU A 81 10.38 -2.77 -4.61
N SER A 82 11.64 -2.98 -4.96
CA SER A 82 11.99 -3.78 -6.13
C SER A 82 11.31 -5.14 -6.07
N GLY A 83 10.82 -5.60 -7.22
CA GLY A 83 10.22 -6.92 -7.28
C GLY A 83 8.79 -6.96 -6.78
N GLN A 84 8.32 -5.83 -6.25
CA GLN A 84 6.94 -5.71 -5.79
C GLN A 84 5.99 -6.39 -6.78
N SER A 85 5.06 -7.17 -6.25
CA SER A 85 4.06 -7.84 -7.08
C SER A 85 2.79 -7.01 -7.15
N TRP A 86 2.34 -6.69 -8.36
CA TRP A 86 1.14 -5.87 -8.55
C TRP A 86 0.07 -6.65 -9.31
N PRO A 87 -0.82 -7.33 -8.58
CA PRO A 87 -1.92 -8.10 -9.17
C PRO A 87 -2.99 -7.16 -9.74
N ARG A 88 -3.01 -5.93 -9.23
CA ARG A 88 -3.86 -4.88 -9.75
C ARG A 88 -3.18 -3.55 -9.49
N LEU A 89 -3.68 -2.48 -10.11
CA LEU A 89 -3.05 -1.18 -10.00
C LEU A 89 -3.55 -0.38 -8.79
N THR A 90 -4.76 -0.69 -8.35
CA THR A 90 -5.42 0.11 -7.32
C THR A 90 -5.39 -0.56 -5.96
N LYS A 91 -5.50 0.24 -4.91
CA LYS A 91 -5.50 -0.29 -3.54
C LYS A 91 -6.66 -1.26 -3.36
N GLU A 92 -7.85 -0.84 -3.77
CA GLU A 92 -9.04 -1.68 -3.61
C GLU A 92 -9.31 -2.53 -4.85
N ARG A 93 -10.03 -3.62 -4.65
CA ARG A 93 -10.52 -4.42 -5.76
C ARG A 93 -11.58 -3.59 -6.48
N ALA A 94 -11.14 -2.79 -7.44
CA ALA A 94 -12.03 -1.87 -8.13
C ALA A 94 -12.07 -2.17 -9.62
N LYS A 95 -13.26 -2.10 -10.20
CA LYS A 95 -13.40 -2.18 -11.64
C LYS A 95 -13.56 -0.77 -12.18
N LEU A 96 -12.44 -0.11 -12.45
CA LEU A 96 -12.48 1.22 -13.04
C LEU A 96 -12.70 1.10 -14.54
N ASN A 97 -13.79 1.69 -15.00
CA ASN A 97 -14.23 1.52 -16.39
C ASN A 97 -13.29 2.18 -17.40
N TRP A 98 -12.35 2.99 -16.90
CA TRP A 98 -11.43 3.69 -17.79
C TRP A 98 -10.05 3.07 -17.79
N LEU A 99 -9.85 2.07 -16.92
CA LEU A 99 -8.55 1.44 -16.77
C LEU A 99 -8.56 0.01 -17.29
N SER A 100 -7.52 -0.35 -18.05
CA SER A 100 -7.35 -1.71 -18.52
C SER A 100 -5.88 -2.10 -18.60
N VAL A 101 -5.61 -3.39 -18.64
CA VAL A 101 -4.23 -3.87 -18.74
C VAL A 101 -3.68 -3.65 -20.14
N ASP A 102 -2.43 -3.23 -20.22
CA ASP A 102 -1.75 -3.09 -21.49
C ASP A 102 -1.11 -4.42 -21.87
N PHE A 103 -1.88 -5.26 -22.56
CA PHE A 103 -1.45 -6.62 -22.89
C PHE A 103 -0.34 -6.64 -23.93
N ASN A 104 -0.20 -5.56 -24.69
CA ASN A 104 0.86 -5.47 -25.68
C ASN A 104 2.22 -5.39 -25.00
N ASN A 105 2.26 -4.74 -23.83
CA ASN A 105 3.51 -4.53 -23.13
C ASN A 105 3.65 -5.40 -21.89
N TRP A 106 2.58 -6.10 -21.53
CA TRP A 106 2.60 -6.93 -20.34
C TRP A 106 3.64 -8.04 -20.42
N LYS A 107 4.24 -8.37 -19.28
CA LYS A 107 5.23 -9.44 -19.19
C LYS A 107 5.25 -10.08 -17.81
N ASP A 108 5.57 -11.37 -17.77
CA ASP A 108 5.68 -12.09 -16.51
C ASP A 108 7.14 -12.15 -16.08
N TRP A 109 7.71 -10.99 -15.79
CA TRP A 109 9.12 -10.87 -15.43
C TRP A 109 9.49 -11.73 -14.22
N GLU A 110 8.51 -12.04 -13.39
CA GLU A 110 8.75 -12.85 -12.18
C GLU A 110 9.36 -14.20 -12.54
N MET B 1 0.54 -24.83 15.54
CA MET B 1 0.61 -23.37 15.80
C MET B 1 -0.67 -22.66 15.38
N GLN B 2 -0.80 -21.41 15.80
CA GLN B 2 -1.95 -20.60 15.44
C GLN B 2 -1.65 -19.14 15.75
N PRO B 3 -2.27 -18.22 15.01
CA PRO B 3 -2.07 -16.79 15.24
C PRO B 3 -2.38 -16.41 16.69
N ALA B 4 -1.56 -15.54 17.25
CA ALA B 4 -1.88 -14.93 18.53
C ALA B 4 -2.97 -13.89 18.29
N SER B 5 -3.88 -13.74 19.25
CA SER B 5 -4.92 -12.73 19.13
C SER B 5 -4.23 -11.37 19.19
N ALA B 6 -4.78 -10.40 18.47
CA ALA B 6 -4.14 -9.09 18.39
C ALA B 6 -5.14 -7.98 18.15
N LYS B 7 -4.86 -6.81 18.71
CA LYS B 7 -5.66 -5.62 18.46
C LYS B 7 -4.76 -4.50 17.94
N TRP B 8 -5.35 -3.58 17.18
CA TRP B 8 -4.57 -2.54 16.53
C TRP B 8 -5.27 -1.18 16.58
N TYR B 9 -4.49 -0.13 16.41
CA TYR B 9 -5.00 1.22 16.27
C TYR B 9 -3.88 2.07 15.66
N ASP B 10 -4.19 3.30 15.29
CA ASP B 10 -3.20 4.15 14.65
C ASP B 10 -3.20 5.58 15.16
N ARG B 11 -2.07 6.25 14.96
CA ARG B 11 -1.96 7.69 15.18
C ARG B 11 -1.56 8.31 13.84
N ARG B 12 -1.32 9.61 13.83
CA ARG B 12 -0.99 10.29 12.59
C ARG B 12 0.14 9.60 11.83
N ASP B 13 1.23 9.30 12.54
CA ASP B 13 2.46 8.80 11.90
C ASP B 13 2.76 7.34 12.17
N TYR B 14 2.00 6.72 13.08
CA TYR B 14 2.31 5.36 13.50
C TYR B 14 1.09 4.45 13.59
N VAL B 15 1.30 3.18 13.27
CA VAL B 15 0.28 2.15 13.46
C VAL B 15 0.75 1.22 14.56
N PHE B 16 -0.17 0.87 15.46
CA PHE B 16 0.19 0.01 16.59
C PHE B 16 -0.56 -1.31 16.55
N ILE B 17 0.19 -2.40 16.71
CA ILE B 17 -0.38 -3.73 16.78
C ILE B 17 0.12 -4.44 18.04
N GLU B 18 -0.81 -4.94 18.85
CA GLU B 18 -0.45 -5.63 20.07
C GLU B 18 -0.84 -7.11 19.99
N PHE B 19 0.14 -7.98 20.17
CA PHE B 19 -0.12 -9.41 20.20
C PHE B 19 -0.20 -9.88 21.65
N CYS B 20 -1.35 -10.45 22.01
CA CYS B 20 -1.59 -10.83 23.38
C CYS B 20 -1.10 -12.26 23.67
N VAL B 21 0.14 -12.36 24.15
CA VAL B 21 0.72 -13.65 24.48
C VAL B 21 1.38 -13.58 25.86
N GLU B 22 0.91 -14.43 26.77
CA GLU B 22 1.44 -14.47 28.13
C GLU B 22 2.79 -15.17 28.17
N ASP B 23 3.70 -14.66 29.00
CA ASP B 23 5.01 -15.28 29.16
C ASP B 23 5.56 -15.75 27.83
N SER B 24 5.70 -14.83 26.89
CA SER B 24 6.24 -15.15 25.58
C SER B 24 7.75 -15.33 25.63
N LYS B 25 8.28 -16.10 24.68
CA LYS B 25 9.72 -16.28 24.55
C LYS B 25 10.04 -16.50 23.07
N ASP B 26 11.31 -16.37 22.70
CA ASP B 26 11.71 -16.46 21.30
C ASP B 26 10.90 -15.50 20.44
N VAL B 27 10.52 -14.35 21.01
CA VAL B 27 9.79 -13.36 20.26
C VAL B 27 10.59 -12.98 19.01
N ASN B 28 9.92 -12.96 17.87
CA ASN B 28 10.57 -12.63 16.61
C ASN B 28 9.65 -11.78 15.75
N VAL B 29 9.97 -10.49 15.63
CA VAL B 29 9.19 -9.59 14.80
C VAL B 29 9.99 -9.17 13.58
N ASN B 30 9.45 -9.44 12.39
CA ASN B 30 10.11 -9.05 11.16
C ASN B 30 9.29 -8.00 10.43
N PHE B 31 9.82 -6.78 10.35
CA PHE B 31 9.14 -5.70 9.66
C PHE B 31 9.56 -5.65 8.20
N GLU B 32 8.58 -5.68 7.31
CA GLU B 32 8.82 -5.49 5.89
C GLU B 32 8.10 -4.21 5.46
N LYS B 33 8.44 -3.70 4.28
CA LYS B 33 7.80 -2.49 3.76
C LYS B 33 6.27 -2.61 3.74
N SER B 34 5.77 -3.77 3.34
CA SER B 34 4.33 -3.97 3.19
C SER B 34 3.83 -5.23 3.90
N LYS B 35 4.65 -5.77 4.79
CA LYS B 35 4.29 -6.99 5.50
C LYS B 35 4.85 -7.01 6.91
N LEU B 36 4.16 -7.71 7.80
CA LEU B 36 4.62 -7.88 9.17
C LEU B 36 4.52 -9.35 9.57
N THR B 37 5.59 -9.87 10.16
CA THR B 37 5.59 -11.25 10.63
C THR B 37 5.98 -11.33 12.10
N PHE B 38 5.11 -11.94 12.90
CA PHE B 38 5.34 -12.10 14.32
C PHE B 38 5.29 -13.57 14.70
N SER B 39 6.29 -14.03 15.44
CA SER B 39 6.31 -15.40 15.94
C SER B 39 6.92 -15.46 17.33
N CYS B 40 6.54 -16.49 18.09
CA CYS B 40 7.06 -16.68 19.44
C CYS B 40 6.48 -17.95 20.05
N LEU B 41 6.98 -18.31 21.22
CA LEU B 41 6.43 -19.43 21.98
C LEU B 41 5.71 -18.86 23.20
N GLY B 42 4.60 -19.49 23.58
CA GLY B 42 3.82 -19.00 24.69
C GLY B 42 3.75 -19.99 25.83
N GLY B 43 3.97 -19.50 27.05
CA GLY B 43 3.84 -20.35 28.22
C GLY B 43 4.97 -21.36 28.34
N SER B 44 4.94 -22.11 29.45
CA SER B 44 5.96 -23.13 29.69
C SER B 44 5.73 -24.33 28.77
N ASP B 45 4.62 -24.31 28.04
CA ASP B 45 4.28 -25.40 27.14
C ASP B 45 4.73 -25.10 25.71
N ASN B 46 5.46 -24.01 25.54
CA ASN B 46 6.00 -23.63 24.24
C ASN B 46 4.94 -23.64 23.15
N PHE B 47 3.82 -22.99 23.41
CA PHE B 47 2.75 -22.87 22.43
C PHE B 47 3.19 -21.96 21.28
N LYS B 48 3.19 -22.50 20.07
CA LYS B 48 3.71 -21.76 18.93
C LYS B 48 2.70 -20.78 18.37
N HIS B 49 3.13 -19.53 18.21
CA HIS B 49 2.31 -18.50 17.59
C HIS B 49 2.96 -17.97 16.33
N LEU B 50 2.14 -17.72 15.31
CA LEU B 50 2.63 -17.14 14.07
C LEU B 50 1.57 -16.23 13.46
N ASN B 51 1.92 -14.97 13.27
CA ASN B 51 1.03 -13.99 12.66
C ASN B 51 1.71 -13.36 11.46
N GLU B 52 1.04 -13.41 10.32
CA GLU B 52 1.56 -12.80 9.10
C GLU B 52 0.45 -12.02 8.41
N ILE B 53 0.71 -10.75 8.12
CA ILE B 53 -0.28 -9.92 7.44
C ILE B 53 0.35 -9.00 6.42
N ASP B 54 -0.30 -8.88 5.26
CA ASP B 54 0.05 -7.86 4.30
C ASP B 54 -0.61 -6.56 4.77
N LEU B 55 0.19 -5.52 4.93
CA LEU B 55 -0.33 -4.27 5.48
C LEU B 55 -1.12 -3.47 4.45
N PHE B 56 -2.13 -2.75 4.91
CA PHE B 56 -2.95 -1.93 4.03
C PHE B 56 -2.07 -0.91 3.31
N HIS B 57 -1.21 -0.24 4.06
CA HIS B 57 -0.29 0.76 3.52
C HIS B 57 1.15 0.35 3.82
N CYS B 58 2.09 0.88 3.05
CA CYS B 58 3.50 0.62 3.29
C CYS B 58 3.96 1.28 4.58
N ILE B 59 4.94 0.68 5.23
CA ILE B 59 5.54 1.24 6.42
C ILE B 59 7.05 1.38 6.22
N ASP B 60 7.71 2.00 7.19
CA ASP B 60 9.16 2.09 7.20
C ASP B 60 9.73 1.07 8.20
N PRO B 61 10.13 -0.11 7.70
CA PRO B 61 10.65 -1.20 8.54
C PRO B 61 11.81 -0.78 9.44
N ASN B 62 12.74 -0.02 8.89
CA ASN B 62 13.95 0.35 9.61
C ASN B 62 13.69 1.37 10.72
N ASP B 63 12.45 1.88 10.78
CA ASP B 63 12.09 2.84 11.83
C ASP B 63 10.94 2.30 12.66
N SER B 64 10.68 1.00 12.55
CA SER B 64 9.64 0.35 13.34
C SER B 64 10.28 -0.53 14.41
N LYS B 65 9.59 -0.69 15.53
CA LYS B 65 10.13 -1.46 16.65
C LYS B 65 9.03 -2.18 17.42
N HIS B 66 9.43 -2.98 18.40
CA HIS B 66 8.49 -3.68 19.26
C HIS B 66 9.01 -3.77 20.69
N LYS B 67 8.09 -3.77 21.64
CA LYS B 67 8.43 -3.98 23.05
C LYS B 67 7.70 -5.22 23.55
N ARG B 68 8.32 -5.94 24.47
CA ARG B 68 7.71 -7.15 25.02
C ARG B 68 7.57 -7.06 26.54
N THR B 69 6.53 -7.69 27.06
CA THR B 69 6.36 -7.87 28.49
C THR B 69 5.81 -9.26 28.73
N ASP B 70 5.62 -9.63 30.00
CA ASP B 70 5.06 -10.93 30.33
C ASP B 70 3.62 -11.04 29.86
N ARG B 71 3.03 -9.92 29.49
CA ARG B 71 1.63 -9.87 29.13
C ARG B 71 1.38 -9.88 27.63
N SER B 72 2.22 -9.19 26.87
CA SER B 72 2.04 -9.11 25.43
C SER B 72 3.23 -8.46 24.70
N ILE B 73 3.10 -8.34 23.39
CA ILE B 73 4.13 -7.73 22.57
C ILE B 73 3.53 -6.60 21.75
N LEU B 74 3.98 -5.37 22.00
CA LEU B 74 3.46 -4.21 21.30
C LEU B 74 4.39 -3.78 20.17
N CYS B 75 3.83 -3.71 18.96
CA CYS B 75 4.59 -3.30 17.79
C CYS B 75 4.24 -1.87 17.40
N CYS B 76 5.27 -1.10 17.07
CA CYS B 76 5.08 0.26 16.59
C CYS B 76 5.59 0.36 15.15
N LEU B 77 4.67 0.54 14.20
CA LEU B 77 5.04 0.65 12.80
C LEU B 77 5.02 2.09 12.33
N ARG B 78 6.12 2.54 11.73
CA ARG B 78 6.21 3.88 11.17
C ARG B 78 5.51 3.90 9.82
N LYS B 79 4.44 4.68 9.72
CA LYS B 79 3.72 4.79 8.46
C LYS B 79 4.65 5.29 7.35
N GLY B 80 4.59 4.65 6.20
CA GLY B 80 5.42 5.07 5.08
C GLY B 80 5.14 6.51 4.70
N GLU B 81 3.97 7.00 5.08
CA GLU B 81 3.58 8.38 4.77
C GLU B 81 2.77 9.00 5.91
N SER B 82 3.30 10.07 6.49
CA SER B 82 2.62 10.78 7.57
C SER B 82 1.17 11.08 7.21
N GLY B 83 0.28 10.90 8.18
CA GLY B 83 -1.12 11.21 7.96
C GLY B 83 -1.86 10.17 7.14
N GLN B 84 -1.15 9.11 6.76
CA GLN B 84 -1.75 7.99 6.03
C GLN B 84 -3.05 7.58 6.72
N SER B 85 -4.09 7.36 5.93
CA SER B 85 -5.38 6.92 6.46
C SER B 85 -5.47 5.40 6.39
N TRP B 86 -5.72 4.77 7.54
CA TRP B 86 -5.83 3.31 7.60
C TRP B 86 -7.22 2.87 8.04
N PRO B 87 -8.11 2.61 7.07
CA PRO B 87 -9.48 2.16 7.34
C PRO B 87 -9.48 0.71 7.83
N ARG B 88 -8.41 0.00 7.50
CA ARG B 88 -8.20 -1.36 7.98
C ARG B 88 -6.69 -1.59 8.06
N LEU B 89 -6.29 -2.70 8.66
CA LEU B 89 -4.87 -2.97 8.85
C LEU B 89 -4.25 -3.74 7.68
N THR B 90 -5.08 -4.51 6.98
CA THR B 90 -4.61 -5.42 5.95
C THR B 90 -4.83 -4.88 4.55
N LYS B 91 -4.07 -5.39 3.58
CA LYS B 91 -4.22 -4.99 2.19
C LYS B 91 -5.61 -5.32 1.66
N GLU B 92 -6.05 -6.55 1.90
CA GLU B 92 -7.37 -7.00 1.45
C GLU B 92 -8.42 -6.79 2.53
N ARG B 93 -9.68 -6.71 2.10
CA ARG B 93 -10.78 -6.40 3.02
C ARG B 93 -11.16 -7.56 3.93
N ALA B 94 -11.05 -8.78 3.41
CA ALA B 94 -11.43 -9.97 4.17
C ALA B 94 -10.95 -9.87 5.62
N LYS B 95 -11.82 -10.22 6.56
CA LYS B 95 -11.53 -10.09 7.98
C LYS B 95 -10.81 -11.31 8.55
N LEU B 96 -9.98 -11.07 9.56
CA LEU B 96 -9.19 -12.10 10.21
C LEU B 96 -9.75 -12.35 11.61
N ASN B 97 -9.96 -13.61 11.95
CA ASN B 97 -10.63 -13.95 13.20
C ASN B 97 -9.79 -13.68 14.45
N TRP B 98 -8.51 -13.38 14.26
CA TRP B 98 -7.62 -13.15 15.40
C TRP B 98 -7.31 -11.67 15.57
N LEU B 99 -7.77 -10.84 14.64
CA LEU B 99 -7.48 -9.42 14.65
C LEU B 99 -8.73 -8.61 14.95
N SER B 100 -8.58 -7.63 15.84
CA SER B 100 -9.68 -6.70 16.15
C SER B 100 -9.14 -5.32 16.47
N VAL B 101 -10.01 -4.32 16.42
CA VAL B 101 -9.62 -2.95 16.73
C VAL B 101 -9.42 -2.76 18.22
N ASP B 102 -8.38 -2.02 18.59
CA ASP B 102 -8.16 -1.65 19.99
C ASP B 102 -8.93 -0.38 20.30
N PHE B 103 -10.18 -0.54 20.73
CA PHE B 103 -11.06 0.60 20.98
C PHE B 103 -10.63 1.38 22.21
N ASN B 104 -9.80 0.76 23.05
CA ASN B 104 -9.33 1.42 24.25
C ASN B 104 -8.31 2.51 23.90
N ASN B 105 -7.63 2.34 22.78
CA ASN B 105 -6.59 3.27 22.36
C ASN B 105 -6.96 4.01 21.08
N TRP B 106 -8.03 3.58 20.43
CA TRP B 106 -8.43 4.17 19.16
C TRP B 106 -8.73 5.66 19.30
N LYS B 107 -8.38 6.42 18.26
CA LYS B 107 -8.63 7.86 18.25
C LYS B 107 -8.82 8.36 16.82
N ASP B 108 -9.63 9.40 16.66
CA ASP B 108 -9.84 10.02 15.35
C ASP B 108 -8.95 11.25 15.21
N TRP B 109 -7.64 11.02 15.19
CA TRP B 109 -6.67 12.11 15.13
C TRP B 109 -6.92 13.03 13.93
N GLU B 110 -7.63 12.52 12.94
CA GLU B 110 -7.96 13.31 11.75
C GLU B 110 -9.42 13.76 11.77
#